data_2I1N
#
_entry.id   2I1N
#
_cell.length_a   81.817
_cell.length_b   80.545
_cell.length_c   67.693
_cell.angle_alpha   90.00
_cell.angle_beta   90.00
_cell.angle_gamma   90.00
#
_symmetry.space_group_name_H-M   'C 2 2 21'
#
loop_
_entity.id
_entity.type
_entity.pdbx_description
1 polymer 'Discs, large homolog 3'
2 non-polymer 'SODIUM ION'
3 water water
#
_entity_poly.entity_id   1
_entity_poly.type   'polypeptide(L)'
_entity_poly.pdbx_seq_one_letter_code
;SMFKYEEIVLERGNSGLGFSIAGGIDNPHVPDDPGIFITKIIPGGAAAMDGRLGVNDCVLRVNEVDVSEVVHSRAVEALK
EAGPVVRLVVRRRQPPPEETSV
;
_entity_poly.pdbx_strand_id   A,B
#
loop_
_chem_comp.id
_chem_comp.type
_chem_comp.name
_chem_comp.formula
NA non-polymer 'SODIUM ION' 'Na 1'
#
# COMPACT_ATOMS: atom_id res chain seq x y z
N MET A 2 12.91 -5.08 -11.84
CA MET A 2 13.28 -4.14 -10.75
C MET A 2 12.17 -3.09 -10.63
N PHE A 3 12.55 -1.80 -10.69
CA PHE A 3 11.61 -0.69 -10.49
C PHE A 3 11.65 0.27 -11.67
N LYS A 4 10.55 1.00 -11.82
CA LYS A 4 10.42 2.10 -12.76
C LYS A 4 10.54 3.39 -11.97
N TYR A 5 11.42 4.30 -12.39
CA TYR A 5 11.62 5.58 -11.71
C TYR A 5 11.01 6.70 -12.54
N GLU A 6 10.55 7.77 -11.88
CA GLU A 6 9.99 8.91 -12.60
C GLU A 6 10.22 10.20 -11.81
N GLU A 7 10.49 11.29 -12.53
CA GLU A 7 10.57 12.61 -11.94
C GLU A 7 9.24 13.29 -12.19
N ILE A 8 8.66 13.80 -11.12
CA ILE A 8 7.38 14.49 -11.14
C ILE A 8 7.55 15.84 -10.48
N VAL A 9 7.18 16.90 -11.19
CA VAL A 9 7.30 18.27 -10.69
C VAL A 9 5.93 18.82 -10.41
N LEU A 10 5.70 19.26 -9.18
CA LEU A 10 4.41 19.83 -8.78
C LEU A 10 4.58 21.27 -8.35
N GLU A 11 3.59 22.12 -8.65
CA GLU A 11 3.52 23.46 -8.04
C GLU A 11 2.63 23.41 -6.80
N ARG A 12 3.15 23.90 -5.67
CA ARG A 12 2.37 23.94 -4.44
C ARG A 12 1.13 24.83 -4.58
N GLY A 13 0.01 24.38 -4.04
CA GLY A 13 -1.22 25.17 -4.00
C GLY A 13 -1.50 25.73 -2.61
N ASN A 14 -2.63 26.41 -2.48
CA ASN A 14 -3.07 26.97 -1.20
C ASN A 14 -3.29 25.92 -0.12
N SER A 15 -3.65 24.70 -0.54
CA SER A 15 -3.78 23.57 0.40
C SER A 15 -2.62 22.57 0.28
N GLY A 16 -1.50 23.04 -0.28
CA GLY A 16 -0.29 22.23 -0.35
C GLY A 16 -0.17 21.50 -1.66
N LEU A 17 0.37 20.29 -1.60
CA LEU A 17 0.61 19.45 -2.79
C LEU A 17 -0.53 18.48 -3.16
N GLY A 18 -1.51 18.32 -2.28
CA GLY A 18 -2.64 17.48 -2.57
C GLY A 18 -2.43 15.98 -2.49
N PHE A 19 -1.59 15.53 -1.55
CA PHE A 19 -1.46 14.09 -1.27
C PHE A 19 -1.05 13.83 0.17
N SER A 20 -1.26 12.59 0.61
CA SER A 20 -0.85 12.15 1.94
C SER A 20 0.24 11.10 1.82
N ILE A 21 1.11 11.04 2.82
CA ILE A 21 2.16 10.05 2.84
C ILE A 21 2.09 9.21 4.12
N ALA A 22 2.50 7.96 4.01
CA ALA A 22 2.82 7.13 5.17
C ALA A 22 4.26 6.68 5.04
N GLY A 23 4.70 5.81 5.93
CA GLY A 23 6.06 5.29 5.89
C GLY A 23 7.10 6.07 6.70
N GLY A 24 8.35 5.63 6.59
CA GLY A 24 9.42 6.13 7.43
C GLY A 24 10.06 5.05 8.29
N ILE A 25 11.30 5.29 8.71
CA ILE A 25 12.01 4.29 9.51
CA ILE A 25 12.06 4.38 9.57
C ILE A 25 11.24 3.92 10.78
N ASP A 26 10.49 4.88 11.32
CA ASP A 26 9.74 4.71 12.56
C ASP A 26 8.27 4.45 12.29
N ASN A 27 7.92 4.12 11.04
CA ASN A 27 6.52 4.09 10.61
C ASN A 27 6.38 3.26 9.36
N PRO A 28 6.86 2.01 9.38
CA PRO A 28 6.89 1.25 8.13
C PRO A 28 5.52 0.97 7.53
N HIS A 29 5.41 1.20 6.23
CA HIS A 29 4.20 0.91 5.44
C HIS A 29 4.00 -0.60 5.32
N VAL A 30 5.09 -1.30 5.06
CA VAL A 30 5.13 -2.73 5.04
C VAL A 30 6.41 -3.19 5.74
N PRO A 31 6.46 -4.46 6.19
CA PRO A 31 7.57 -4.94 7.00
C PRO A 31 8.94 -4.70 6.33
N ASP A 32 9.84 -4.16 7.13
CA ASP A 32 11.25 -3.95 6.79
C ASP A 32 11.50 -3.04 5.59
N ASP A 33 10.53 -2.19 5.27
CA ASP A 33 10.70 -1.17 4.25
C ASP A 33 10.52 0.18 4.94
N PRO A 34 11.56 1.00 4.94
CA PRO A 34 11.49 2.32 5.57
C PRO A 34 10.95 3.44 4.64
N GLY A 35 10.53 3.08 3.43
CA GLY A 35 10.16 4.06 2.42
C GLY A 35 8.96 4.93 2.72
N ILE A 36 8.89 6.06 2.03
CA ILE A 36 7.78 7.00 2.10
C ILE A 36 6.86 6.60 0.96
N PHE A 37 5.59 6.34 1.26
CA PHE A 37 4.65 5.92 0.25
C PHE A 37 3.44 6.83 0.22
N ILE A 38 2.91 7.03 -0.98
CA ILE A 38 1.68 7.81 -1.15
C ILE A 38 0.44 6.99 -0.75
N THR A 39 -0.38 7.55 0.13
CA THR A 39 -1.58 6.85 0.60
C THR A 39 -2.88 7.43 0.07
N LYS A 40 -2.84 8.69 -0.39
CA LYS A 40 -4.07 9.37 -0.81
C LYS A 40 -3.71 10.48 -1.80
N ILE A 41 -4.53 10.68 -2.82
CA ILE A 41 -4.39 11.79 -3.79
C ILE A 41 -5.70 12.59 -3.77
N ILE A 42 -5.63 13.87 -3.42
CA ILE A 42 -6.83 14.71 -3.18
C ILE A 42 -7.38 15.22 -4.51
N PRO A 43 -8.68 15.02 -4.77
CA PRO A 43 -9.32 15.58 -5.96
C PRO A 43 -9.15 17.09 -6.03
N GLY A 44 -8.77 17.60 -7.19
CA GLY A 44 -8.58 19.03 -7.37
C GLY A 44 -7.26 19.59 -6.87
N GLY A 45 -6.47 18.76 -6.18
CA GLY A 45 -5.13 19.14 -5.73
C GLY A 45 -4.06 19.02 -6.80
N ALA A 46 -2.86 19.51 -6.50
CA ALA A 46 -1.76 19.59 -7.47
C ALA A 46 -1.37 18.21 -8.03
N ALA A 47 -1.21 17.25 -7.11
CA ALA A 47 -0.85 15.86 -7.49
C ALA A 47 -1.87 15.26 -8.45
N ALA A 48 -3.16 15.39 -8.11
CA ALA A 48 -4.26 14.89 -8.94
C ALA A 48 -4.29 15.54 -10.30
N MET A 49 -4.16 16.87 -10.33
CA MET A 49 -4.25 17.60 -11.57
C MET A 49 -3.04 17.35 -12.46
N ASP A 50 -1.89 17.03 -11.86
CA ASP A 50 -0.67 16.72 -12.62
C ASP A 50 -0.81 15.35 -13.30
N GLY A 51 -1.47 14.42 -12.61
CA GLY A 51 -1.82 13.13 -13.16
C GLY A 51 -0.81 12.00 -13.02
N ARG A 52 0.44 12.30 -12.68
CA ARG A 52 1.50 11.27 -12.71
C ARG A 52 1.62 10.42 -11.43
N LEU A 53 1.42 11.03 -10.27
CA LEU A 53 1.55 10.32 -9.00
CA LEU A 53 1.54 10.35 -8.99
C LEU A 53 0.39 9.35 -8.81
N GLY A 54 0.72 8.21 -8.21
CA GLY A 54 -0.25 7.19 -7.88
C GLY A 54 -0.11 6.71 -6.45
N VAL A 55 -1.19 6.11 -5.97
CA VAL A 55 -1.21 5.56 -4.60
C VAL A 55 -0.20 4.42 -4.53
N ASN A 56 0.52 4.36 -3.41
CA ASN A 56 1.59 3.40 -3.18
C ASN A 56 2.85 3.59 -4.03
N ASP A 57 2.95 4.71 -4.74
CA ASP A 57 4.25 5.14 -5.28
C ASP A 57 5.16 5.38 -4.08
N CYS A 58 6.44 5.09 -4.23
CA CYS A 58 7.42 5.41 -3.19
C CYS A 58 8.21 6.66 -3.55
N VAL A 59 8.21 7.64 -2.66
CA VAL A 59 8.92 8.91 -2.86
C VAL A 59 10.35 8.74 -2.32
N LEU A 60 11.35 8.93 -3.16
CA LEU A 60 12.75 8.75 -2.81
C LEU A 60 13.49 10.07 -2.56
N ARG A 61 13.03 11.14 -3.19
CA ARG A 61 13.72 12.41 -3.11
C ARG A 61 12.74 13.55 -3.25
N VAL A 62 12.95 14.59 -2.46
CA VAL A 62 12.15 15.81 -2.53
C VAL A 62 13.11 16.97 -2.74
N ASN A 63 13.10 17.52 -3.95
CA ASN A 63 14.10 18.48 -4.40
C ASN A 63 15.48 17.88 -4.13
N GLU A 64 16.31 18.50 -3.29
CA GLU A 64 17.63 17.95 -3.00
C GLU A 64 17.70 17.06 -1.76
N VAL A 65 16.54 16.71 -1.19
CA VAL A 65 16.52 15.95 0.05
C VAL A 65 16.23 14.49 -0.19
N ASP A 66 17.19 13.63 0.15
CA ASP A 66 17.01 12.18 0.13
C ASP A 66 16.04 11.73 1.24
N VAL A 67 14.93 11.13 0.86
CA VAL A 67 13.97 10.59 1.83
C VAL A 67 13.83 9.06 1.70
N SER A 68 14.85 8.42 1.16
CA SER A 68 14.82 6.94 1.03
C SER A 68 14.83 6.22 2.39
N GLU A 69 15.45 6.82 3.41
CA GLU A 69 15.44 6.22 4.74
C GLU A 69 15.56 7.28 5.82
N VAL A 70 14.41 7.84 6.18
CA VAL A 70 14.31 8.93 7.15
C VAL A 70 13.13 8.63 8.08
N VAL A 71 13.09 9.27 9.24
CA VAL A 71 11.88 9.26 10.07
C VAL A 71 10.75 10.02 9.37
N HIS A 72 9.51 9.64 9.69
CA HIS A 72 8.33 10.21 9.02
C HIS A 72 8.33 11.74 9.01
N SER A 73 8.61 12.34 10.18
CA SER A 73 8.57 13.80 10.34
C SER A 73 9.57 14.56 9.45
N ARG A 74 10.71 13.92 9.17
CA ARG A 74 11.72 14.50 8.28
C ARG A 74 11.20 14.52 6.83
N ALA A 75 10.48 13.49 6.42
CA ALA A 75 9.85 13.53 5.08
C ALA A 75 8.77 14.63 4.99
N VAL A 76 7.91 14.70 6.00
CA VAL A 76 6.88 15.73 6.06
C VAL A 76 7.52 17.14 6.00
N GLU A 77 8.58 17.29 6.78
CA GLU A 77 9.34 18.53 6.82
C GLU A 77 9.89 18.87 5.42
N ALA A 78 10.54 17.91 4.78
CA ALA A 78 11.08 18.13 3.42
C ALA A 78 10.03 18.63 2.44
N LEU A 79 8.86 18.00 2.50
CA LEU A 79 7.77 18.34 1.59
C LEU A 79 7.20 19.72 1.90
N LYS A 80 7.06 20.04 3.19
CA LYS A 80 6.62 21.40 3.64
C LYS A 80 7.54 22.54 3.23
N GLU A 81 8.85 22.31 3.20
CA GLU A 81 9.82 23.38 3.02
C GLU A 81 10.46 23.41 1.64
N ALA A 82 9.94 22.59 0.73
CA ALA A 82 10.52 22.43 -0.61
C ALA A 82 10.25 23.59 -1.57
N GLY A 83 9.42 24.55 -1.15
CA GLY A 83 9.14 25.75 -1.95
C GLY A 83 7.98 25.59 -2.92
N PRO A 84 7.82 26.56 -3.85
CA PRO A 84 6.67 26.58 -4.74
C PRO A 84 6.68 25.50 -5.84
N VAL A 85 7.85 24.92 -6.13
CA VAL A 85 8.01 23.96 -7.22
C VAL A 85 8.74 22.74 -6.66
N VAL A 86 8.04 21.61 -6.56
CA VAL A 86 8.58 20.46 -5.86
C VAL A 86 8.83 19.32 -6.84
N ARG A 87 10.09 18.94 -6.94
CA ARG A 87 10.56 17.90 -7.84
C ARG A 87 10.63 16.63 -7.01
N LEU A 88 9.79 15.66 -7.34
CA LEU A 88 9.75 14.37 -6.67
C LEU A 88 10.41 13.30 -7.54
N VAL A 89 11.32 12.53 -6.96
CA VAL A 89 11.78 11.31 -7.58
C VAL A 89 10.97 10.20 -6.92
N VAL A 90 10.29 9.41 -7.75
CA VAL A 90 9.46 8.32 -7.24
C VAL A 90 9.84 7.02 -7.94
N ARG A 91 9.52 5.92 -7.28
CA ARG A 91 9.51 4.66 -7.98
C ARG A 91 8.23 3.85 -7.75
N ARG A 92 8.01 2.94 -8.69
CA ARG A 92 6.86 2.06 -8.65
C ARG A 92 7.22 0.77 -9.36
N ARG A 93 6.25 -0.12 -9.49
CA ARG A 93 6.52 -1.40 -10.12
C ARG A 93 6.84 -1.24 -11.61
N GLN A 94 7.87 -1.94 -12.06
CA GLN A 94 8.20 -2.06 -13.47
C GLN A 94 7.59 -3.38 -13.95
N PRO A 95 6.65 -3.33 -14.93
CA PRO A 95 6.06 -4.57 -15.49
C PRO A 95 7.11 -5.46 -16.11
N PRO A 96 6.91 -6.80 -16.07
CA PRO A 96 7.93 -7.65 -16.66
C PRO A 96 8.20 -7.30 -18.12
N PRO A 97 9.47 -7.38 -18.54
CA PRO A 97 9.80 -7.18 -19.94
C PRO A 97 9.29 -8.32 -20.82
N GLU A 98 9.21 -8.05 -22.12
CA GLU A 98 8.88 -9.03 -23.11
C GLU A 98 9.98 -10.08 -23.21
N GLU A 99 11.24 -9.65 -23.04
CA GLU A 99 12.39 -10.56 -23.02
C GLU A 99 13.57 -9.92 -22.26
N THR A 100 14.52 -10.75 -21.86
CA THR A 100 15.69 -10.27 -21.11
C THR A 100 16.92 -10.98 -21.67
N SER A 101 17.92 -10.18 -22.02
CA SER A 101 19.20 -10.71 -22.48
C SER A 101 19.99 -11.24 -21.28
N VAL A 102 20.49 -12.48 -21.35
CA VAL A 102 21.26 -13.03 -20.22
C VAL A 102 22.67 -13.48 -20.63
N SER B 1 7.53 1.19 15.89
CA SER B 1 6.38 0.67 15.12
C SER B 1 6.65 -0.70 14.58
N MET B 2 5.58 -1.48 14.45
CA MET B 2 5.66 -2.90 14.11
CA MET B 2 5.65 -2.93 14.25
C MET B 2 4.27 -3.44 13.79
N PHE B 3 4.21 -4.73 13.53
CA PHE B 3 3.05 -5.38 13.02
C PHE B 3 2.49 -6.41 14.02
N LYS B 4 1.18 -6.65 13.89
CA LYS B 4 0.40 -7.60 14.68
C LYS B 4 -0.13 -8.64 13.73
N TYR B 5 -0.25 -9.89 14.19
CA TYR B 5 -0.88 -10.96 13.42
C TYR B 5 -2.18 -11.37 14.10
N GLU B 6 -3.18 -11.74 13.31
CA GLU B 6 -4.50 -12.14 13.83
C GLU B 6 -5.09 -13.24 12.96
N GLU B 7 -5.74 -14.22 13.57
CA GLU B 7 -6.51 -15.21 12.84
C GLU B 7 -7.96 -14.77 12.84
N ILE B 8 -8.55 -14.69 11.65
CA ILE B 8 -9.95 -14.31 11.48
C ILE B 8 -10.68 -15.45 10.81
N VAL B 9 -11.82 -15.85 11.37
CA VAL B 9 -12.54 -17.01 10.84
C VAL B 9 -13.90 -16.51 10.38
N LEU B 10 -14.22 -16.81 9.13
CA LEU B 10 -15.43 -16.31 8.47
C LEU B 10 -16.25 -17.47 7.96
N GLU B 11 -17.54 -17.46 8.24
CA GLU B 11 -18.48 -18.34 7.53
C GLU B 11 -18.84 -17.69 6.18
N ARG B 12 -18.60 -18.38 5.09
CA ARG B 12 -18.84 -17.84 3.76
C ARG B 12 -20.34 -17.63 3.59
N GLY B 13 -20.70 -16.53 2.93
CA GLY B 13 -22.11 -16.26 2.59
C GLY B 13 -22.46 -16.70 1.19
N ASN B 14 -23.65 -16.34 0.75
CA ASN B 14 -24.11 -16.65 -0.62
C ASN B 14 -23.24 -16.04 -1.72
N SER B 15 -22.73 -14.83 -1.50
CA SER B 15 -21.89 -14.15 -2.48
C SER B 15 -20.39 -14.26 -2.20
N GLY B 16 -20.00 -15.12 -1.26
CA GLY B 16 -18.60 -15.29 -0.87
C GLY B 16 -18.33 -14.60 0.46
N LEU B 17 -17.16 -14.00 0.55
CA LEU B 17 -16.58 -13.53 1.80
C LEU B 17 -16.78 -12.01 2.01
N GLY B 18 -17.16 -11.30 0.95
CA GLY B 18 -17.49 -9.87 1.04
C GLY B 18 -16.30 -8.94 1.16
N PHE B 19 -15.21 -9.28 0.48
CA PHE B 19 -14.06 -8.39 0.39
C PHE B 19 -13.31 -8.54 -0.92
N SER B 20 -12.48 -7.54 -1.22
CA SER B 20 -11.67 -7.55 -2.43
C SER B 20 -10.18 -7.61 -2.13
N ILE B 21 -9.40 -8.22 -3.01
CA ILE B 21 -7.95 -8.28 -2.81
C ILE B 21 -7.15 -7.71 -3.97
N ALA B 22 -6.01 -7.11 -3.66
CA ALA B 22 -4.97 -6.76 -4.64
C ALA B 22 -3.62 -7.37 -4.23
N GLY B 23 -2.71 -7.46 -5.19
CA GLY B 23 -1.35 -7.86 -4.91
C GLY B 23 -1.04 -9.23 -5.43
N GLY B 24 0.08 -9.79 -5.00
CA GLY B 24 0.60 -11.01 -5.59
C GLY B 24 1.93 -10.72 -6.24
N ILE B 25 2.73 -11.76 -6.41
CA ILE B 25 4.08 -11.61 -6.96
C ILE B 25 4.06 -11.21 -8.44
N ASP B 26 2.92 -11.39 -9.10
CA ASP B 26 2.78 -10.98 -10.49
C ASP B 26 2.13 -9.61 -10.67
N ASN B 27 1.73 -8.98 -9.57
CA ASN B 27 1.15 -7.63 -9.62
C ASN B 27 1.19 -6.92 -8.26
N PRO B 28 2.41 -6.60 -7.79
CA PRO B 28 2.52 -6.07 -6.43
C PRO B 28 1.67 -4.85 -6.18
N HIS B 29 0.97 -4.82 -5.03
CA HIS B 29 0.16 -3.72 -4.60
C HIS B 29 1.04 -2.61 -4.01
N VAL B 30 2.10 -3.02 -3.34
CA VAL B 30 3.14 -2.11 -2.86
C VAL B 30 4.44 -2.55 -3.54
N PRO B 31 5.20 -1.60 -4.13
CA PRO B 31 6.44 -1.91 -4.81
C PRO B 31 7.35 -2.80 -3.97
N ASP B 32 7.80 -3.89 -4.58
CA ASP B 32 8.71 -4.87 -3.97
C ASP B 32 8.11 -5.66 -2.82
N ASP B 33 6.78 -5.71 -2.76
CA ASP B 33 6.14 -6.51 -1.74
C ASP B 33 5.15 -7.44 -2.43
N PRO B 34 5.28 -8.76 -2.20
CA PRO B 34 4.45 -9.76 -2.88
C PRO B 34 3.06 -9.95 -2.28
N GLY B 35 2.75 -9.24 -1.20
CA GLY B 35 1.59 -9.52 -0.38
C GLY B 35 0.24 -9.38 -1.04
N ILE B 36 -0.72 -10.12 -0.52
CA ILE B 36 -2.13 -10.01 -0.86
C ILE B 36 -2.75 -9.08 0.17
N PHE B 37 -3.33 -7.96 -0.27
CA PHE B 37 -3.84 -6.91 0.64
C PHE B 37 -5.34 -6.73 0.41
N ILE B 38 -6.06 -6.47 1.49
CA ILE B 38 -7.48 -6.18 1.43
C ILE B 38 -7.66 -4.73 0.95
N THR B 39 -8.43 -4.54 -0.11
CA THR B 39 -8.68 -3.21 -0.68
C THR B 39 -10.10 -2.68 -0.43
N LYS B 40 -11.01 -3.59 -0.09
CA LYS B 40 -12.43 -3.25 0.02
C LYS B 40 -13.12 -4.29 0.89
N ILE B 41 -14.01 -3.81 1.74
CA ILE B 41 -14.87 -4.67 2.57
C ILE B 41 -16.27 -4.12 2.39
N ILE B 42 -17.18 -4.90 1.80
CA ILE B 42 -18.50 -4.38 1.48
C ILE B 42 -19.56 -4.69 2.52
N PRO B 43 -20.49 -3.74 2.74
CA PRO B 43 -21.55 -3.95 3.69
C PRO B 43 -22.35 -5.20 3.38
N GLY B 44 -22.73 -5.93 4.42
CA GLY B 44 -23.59 -7.08 4.26
C GLY B 44 -22.85 -8.40 4.07
N GLY B 45 -21.54 -8.34 3.83
CA GLY B 45 -20.75 -9.53 3.60
C GLY B 45 -20.19 -10.10 4.89
N ALA B 46 -19.61 -11.28 4.81
CA ALA B 46 -19.14 -12.00 5.98
C ALA B 46 -18.05 -11.20 6.68
N ALA B 47 -17.11 -10.64 5.91
CA ALA B 47 -15.99 -9.90 6.54
C ALA B 47 -16.51 -8.69 7.29
N ALA B 48 -17.43 -7.94 6.69
CA ALA B 48 -18.03 -6.79 7.39
C ALA B 48 -18.76 -7.23 8.65
N MET B 49 -19.53 -8.31 8.57
CA MET B 49 -20.38 -8.69 9.71
C MET B 49 -19.52 -9.23 10.87
N ASP B 50 -18.43 -9.91 10.52
CA ASP B 50 -17.46 -10.37 11.52
C ASP B 50 -16.76 -9.20 12.23
N GLY B 51 -16.39 -8.14 11.51
CA GLY B 51 -15.93 -6.93 12.18
C GLY B 51 -14.43 -6.80 12.34
N ARG B 52 -13.66 -7.86 12.11
CA ARG B 52 -12.22 -7.81 12.43
C ARG B 52 -11.33 -7.38 11.28
N LEU B 53 -11.67 -7.81 10.08
CA LEU B 53 -10.85 -7.52 8.92
C LEU B 53 -10.93 -6.04 8.59
N GLY B 54 -9.80 -5.50 8.16
CA GLY B 54 -9.75 -4.11 7.75
C GLY B 54 -9.03 -3.90 6.43
N VAL B 55 -9.41 -2.82 5.76
CA VAL B 55 -8.75 -2.46 4.51
C VAL B 55 -7.27 -2.24 4.81
N ASN B 56 -6.43 -2.72 3.91
CA ASN B 56 -4.96 -2.73 4.06
C ASN B 56 -4.35 -3.89 4.84
N ASP B 57 -5.15 -4.74 5.47
CA ASP B 57 -4.64 -5.96 6.09
C ASP B 57 -3.97 -6.78 5.01
N CYS B 58 -2.92 -7.49 5.38
CA CYS B 58 -2.27 -8.41 4.48
C CYS B 58 -2.65 -9.84 4.83
N VAL B 59 -3.17 -10.58 3.86
CA VAL B 59 -3.58 -11.97 4.07
C VAL B 59 -2.38 -12.87 3.76
N LEU B 60 -1.96 -13.66 4.74
CA LEU B 60 -0.79 -14.51 4.58
C LEU B 60 -1.11 -16.00 4.42
N ARG B 61 -2.26 -16.42 4.94
CA ARG B 61 -2.63 -17.83 4.93
C ARG B 61 -4.14 -17.92 4.88
N VAL B 62 -4.63 -18.84 4.04
CA VAL B 62 -6.06 -19.05 3.83
C VAL B 62 -6.24 -20.55 4.12
N ASN B 63 -6.86 -20.87 5.25
CA ASN B 63 -6.79 -22.22 5.84
C ASN B 63 -5.30 -22.73 5.87
N GLU B 64 -4.99 -23.83 5.19
CA GLU B 64 -3.57 -24.28 5.16
C GLU B 64 -2.81 -23.86 3.90
N VAL B 65 -3.41 -23.00 3.07
CA VAL B 65 -2.76 -22.50 1.85
C VAL B 65 -1.95 -21.22 2.13
N ASP B 66 -0.64 -21.32 1.90
CA ASP B 66 0.26 -20.19 2.00
C ASP B 66 0.02 -19.23 0.82
N VAL B 67 -0.35 -17.99 1.11
CA VAL B 67 -0.53 -16.98 0.06
C VAL B 67 0.44 -15.79 0.27
N SER B 68 1.55 -16.06 0.95
CA SER B 68 2.53 -15.03 1.28
C SER B 68 3.34 -14.63 0.03
N GLU B 69 3.62 -15.57 -0.86
CA GLU B 69 4.32 -15.28 -2.11
C GLU B 69 3.73 -16.10 -3.27
N VAL B 70 2.55 -15.69 -3.73
CA VAL B 70 1.86 -16.38 -4.82
C VAL B 70 1.40 -15.38 -5.88
N VAL B 71 1.07 -15.87 -7.06
CA VAL B 71 0.46 -15.04 -8.08
C VAL B 71 -0.98 -14.71 -7.65
N HIS B 72 -1.52 -13.60 -8.16
CA HIS B 72 -2.86 -13.12 -7.78
C HIS B 72 -3.91 -14.23 -7.89
N SER B 73 -3.93 -14.89 -9.03
CA SER B 73 -4.91 -15.95 -9.30
C SER B 73 -4.88 -17.10 -8.30
N ARG B 74 -3.70 -17.39 -7.72
CA ARG B 74 -3.61 -18.45 -6.70
C ARG B 74 -4.32 -18.05 -5.41
N ALA B 75 -4.12 -16.80 -5.00
CA ALA B 75 -4.82 -16.26 -3.84
C ALA B 75 -6.35 -16.29 -4.02
N VAL B 76 -6.81 -15.82 -5.18
CA VAL B 76 -8.24 -15.85 -5.54
C VAL B 76 -8.78 -17.30 -5.47
N GLU B 77 -8.07 -18.23 -6.09
CA GLU B 77 -8.42 -19.65 -6.04
C GLU B 77 -8.46 -20.23 -4.61
N ALA B 78 -7.45 -19.90 -3.80
CA ALA B 78 -7.42 -20.36 -2.41
C ALA B 78 -8.67 -19.93 -1.64
N LEU B 79 -9.09 -18.69 -1.85
CA LEU B 79 -10.27 -18.13 -1.19
C LEU B 79 -11.59 -18.75 -1.70
N LYS B 80 -11.68 -18.96 -3.02
CA LYS B 80 -12.86 -19.61 -3.62
C LYS B 80 -13.04 -21.07 -3.18
N GLU B 81 -11.93 -21.79 -3.07
CA GLU B 81 -11.94 -23.21 -2.72
C GLU B 81 -11.88 -23.51 -1.21
N ALA B 82 -11.89 -22.48 -0.37
CA ALA B 82 -11.68 -22.66 1.08
C ALA B 82 -12.90 -23.21 1.85
N GLY B 83 -14.00 -23.49 1.16
CA GLY B 83 -15.14 -24.14 1.82
C GLY B 83 -15.91 -23.14 2.66
N PRO B 84 -16.88 -23.62 3.46
CA PRO B 84 -17.83 -22.78 4.15
C PRO B 84 -17.27 -22.01 5.35
N VAL B 85 -16.17 -22.49 5.92
CA VAL B 85 -15.50 -21.85 7.06
C VAL B 85 -14.05 -21.56 6.65
N VAL B 86 -13.72 -20.27 6.58
CA VAL B 86 -12.46 -19.82 6.04
C VAL B 86 -11.63 -19.16 7.12
N ARG B 87 -10.45 -19.73 7.38
CA ARG B 87 -9.53 -19.20 8.40
C ARG B 87 -8.44 -18.37 7.72
N LEU B 88 -8.38 -17.10 8.06
CA LEU B 88 -7.45 -16.18 7.45
C LEU B 88 -6.45 -15.77 8.47
N VAL B 89 -5.17 -15.86 8.15
CA VAL B 89 -4.16 -15.26 9.00
C VAL B 89 -3.72 -13.97 8.36
N VAL B 90 -3.83 -12.87 9.11
CA VAL B 90 -3.54 -11.55 8.53
C VAL B 90 -2.53 -10.77 9.39
N ARG B 91 -1.90 -9.79 8.75
CA ARG B 91 -0.95 -8.90 9.40
C ARG B 91 -1.34 -7.44 9.16
N ARG B 92 -1.25 -6.60 10.19
CA ARG B 92 -1.44 -5.16 9.99
C ARG B 92 -0.53 -4.42 10.93
N ARG B 93 -0.31 -3.14 10.65
CA ARG B 93 0.35 -2.27 11.62
C ARG B 93 -0.41 -2.18 12.95
N GLN B 94 0.34 -2.22 14.05
CA GLN B 94 -0.26 -2.01 15.36
C GLN B 94 0.58 -1.29 16.42
N PRO B 95 0.62 0.04 16.36
CA PRO B 95 -0.57 0.82 16.52
C PRO B 95 -0.80 1.15 15.02
N PRO B 96 -1.96 1.69 14.63
CA PRO B 96 -2.11 2.08 13.22
C PRO B 96 -1.00 3.00 12.67
N PRO B 97 -0.80 3.00 11.34
CA PRO B 97 0.24 3.87 10.79
C PRO B 97 -0.05 5.38 10.91
N GLU B 98 1.02 6.18 10.89
CA GLU B 98 0.90 7.62 10.79
C GLU B 98 0.84 8.00 9.33
N GLU B 99 -0.22 8.75 8.98
CA GLU B 99 -0.47 9.24 7.63
C GLU B 99 -0.59 10.75 7.73
N THR B 100 0.12 11.49 6.89
CA THR B 100 0.16 12.96 6.96
C THR B 100 -0.19 13.59 5.61
N SER B 101 -1.09 14.58 5.62
CA SER B 101 -1.42 15.40 4.46
CA SER B 101 -1.42 15.38 4.45
C SER B 101 -0.34 16.43 4.18
N VAL B 102 0.12 16.50 2.94
CA VAL B 102 1.16 17.45 2.52
C VAL B 102 0.71 18.27 1.28
NA NA C . 15.90 10.86 9.83
NA NA D . -1.76 -15.84 14.28
NA NA E . 3.20 -24.37 3.13
NA NA F . -17.82 -1.75 6.09
NA NA G . -0.88 -1.14 2.29
#